data_2WTO
#
_entry.id   2WTO
#
_cell.length_a   105.430
_cell.length_b   29.610
_cell.length_c   70.960
_cell.angle_alpha   90.00
_cell.angle_beta   113.75
_cell.angle_gamma   90.00
#
_symmetry.space_group_name_H-M   'C 1 2 1'
#
loop_
_entity.id
_entity.type
_entity.pdbx_description
1 polymer 'ORF131 PROTEIN'
2 non-polymer 'CHLORIDE ION'
3 non-polymer 'MAGNESIUM ION'
4 water water
#
_entity_poly.entity_id   1
_entity_poly.type   'polypeptide(L)'
_entity_poly.pdbx_seq_one_letter_code
;MKTKKHALLFAALLLGGMSASYALEMTGLKPGVPASTATAQAMAKRHATLYGDPAGQSQASRIIDVKPGMRYVNVDSGET
VAFRAGEKIVAWTFAQMVRDTSVDLGLLMPDLPGSAGVRVYIDRSDLFTGG
;
_entity_poly.pdbx_strand_id   A,B
#
loop_
_chem_comp.id
_chem_comp.type
_chem_comp.name
_chem_comp.formula
CL non-polymer 'CHLORIDE ION' 'Cl -1'
MG non-polymer 'MAGNESIUM ION' 'Mg 2'
#
# COMPACT_ATOMS: atom_id res chain seq x y z
N SER A 36 -14.04 -26.99 -17.20
CA SER A 36 -12.93 -26.73 -16.29
C SER A 36 -12.71 -25.25 -16.13
N THR A 37 -12.08 -24.62 -17.13
CA THR A 37 -11.79 -23.20 -17.08
C THR A 37 -12.93 -22.40 -16.47
N ALA A 38 -14.15 -22.67 -16.93
CA ALA A 38 -15.33 -21.96 -16.44
C ALA A 38 -15.89 -22.04 -15.03
N THR A 39 -16.20 -23.23 -14.57
CA THR A 39 -16.50 -23.52 -13.17
C THR A 39 -15.52 -22.83 -12.23
N ALA A 40 -14.26 -22.78 -12.65
CA ALA A 40 -13.24 -22.18 -11.81
C ALA A 40 -13.51 -20.69 -11.66
N GLN A 41 -13.85 -20.05 -12.77
CA GLN A 41 -14.21 -18.65 -12.80
C GLN A 41 -15.29 -18.31 -11.79
N ALA A 42 -16.25 -19.20 -11.72
CA ALA A 42 -17.35 -19.03 -10.84
C ALA A 42 -17.01 -19.22 -9.36
N MET A 43 -16.20 -20.24 -9.05
CA MET A 43 -15.79 -20.39 -7.69
CA MET A 43 -15.75 -20.41 -7.67
C MET A 43 -14.78 -19.28 -7.25
N ALA A 44 -14.05 -18.72 -8.19
CA ALA A 44 -13.14 -17.61 -7.87
C ALA A 44 -13.96 -16.37 -7.49
N LYS A 45 -15.05 -16.13 -8.22
CA LYS A 45 -15.88 -14.96 -7.91
C LYS A 45 -16.50 -15.16 -6.53
N ARG A 46 -16.86 -16.40 -6.22
CA ARG A 46 -17.37 -16.69 -4.91
C ARG A 46 -16.36 -16.39 -3.78
N HIS A 47 -15.11 -16.83 -3.97
CA HIS A 47 -14.04 -16.52 -3.01
C HIS A 47 -13.87 -15.00 -2.87
N ALA A 48 -13.88 -14.31 -4.01
CA ALA A 48 -13.62 -12.89 -4.00
C ALA A 48 -14.71 -12.16 -3.21
N THR A 49 -15.93 -12.66 -3.30
CA THR A 49 -17.07 -12.05 -2.60
C THR A 49 -16.90 -11.98 -1.09
N LEU A 50 -16.12 -12.90 -0.53
CA LEU A 50 -15.83 -12.83 0.89
C LEU A 50 -14.97 -11.65 1.31
N TYR A 51 -14.36 -10.96 0.34
CA TYR A 51 -13.36 -9.94 0.60
C TYR A 51 -13.83 -8.54 0.18
N GLY A 52 -15.03 -8.45 -0.36
CA GLY A 52 -15.57 -7.14 -0.69
C GLY A 52 -16.43 -7.12 -1.92
N ASP A 53 -16.52 -5.96 -2.58
CA ASP A 53 -17.43 -5.74 -3.68
C ASP A 53 -16.77 -4.92 -4.79
N PRO A 54 -17.11 -5.24 -6.05
CA PRO A 54 -16.69 -4.42 -7.19
C PRO A 54 -17.06 -2.97 -6.92
N ALA A 55 -16.20 -2.04 -7.33
CA ALA A 55 -16.45 -0.63 -7.12
C ALA A 55 -16.25 0.12 -8.41
N GLY A 56 -16.73 1.36 -8.47
CA GLY A 56 -16.39 2.22 -9.59
C GLY A 56 -15.16 3.06 -9.31
N GLN A 57 -14.37 3.27 -10.34
CA GLN A 57 -13.18 4.11 -10.24
C GLN A 57 -13.46 5.51 -9.64
N SER A 58 -14.66 6.02 -9.91
CA SER A 58 -14.99 7.37 -9.46
C SER A 58 -15.13 7.46 -7.94
N GLN A 59 -15.18 6.31 -7.26
CA GLN A 59 -15.30 6.33 -5.81
C GLN A 59 -13.98 5.94 -5.12
N ALA A 60 -12.95 5.66 -5.91
CA ALA A 60 -11.68 5.19 -5.36
C ALA A 60 -10.86 6.36 -4.77
N SER A 61 -10.22 6.11 -3.64
CA SER A 61 -9.37 7.14 -3.01
C SER A 61 -7.92 7.16 -3.50
N ARG A 62 -7.51 6.14 -4.24
CA ARG A 62 -6.20 6.10 -4.86
C ARG A 62 -6.21 5.08 -6.00
N ILE A 63 -5.23 5.19 -6.87
CA ILE A 63 -5.06 4.21 -7.94
C ILE A 63 -3.71 3.53 -7.76
N ILE A 64 -3.71 2.21 -7.70
CA ILE A 64 -2.46 1.46 -7.50
C ILE A 64 -1.99 0.85 -8.82
N ASP A 65 -0.77 1.20 -9.22
CA ASP A 65 -0.17 0.68 -10.42
CA ASP A 65 -0.18 0.66 -10.43
C ASP A 65 0.22 -0.79 -10.18
N VAL A 66 -0.28 -1.68 -11.03
CA VAL A 66 0.06 -3.09 -10.88
C VAL A 66 1.15 -3.41 -11.90
N LYS A 67 2.35 -3.71 -11.39
CA LYS A 67 3.52 -3.86 -12.23
C LYS A 67 4.12 -5.26 -12.07
N PRO A 68 4.77 -5.77 -13.12
CA PRO A 68 5.41 -7.09 -13.02
C PRO A 68 6.33 -7.16 -11.81
N GLY A 69 6.26 -8.24 -11.05
CA GLY A 69 7.08 -8.39 -9.86
C GLY A 69 6.49 -7.89 -8.56
N MET A 70 5.44 -7.06 -8.61
CA MET A 70 4.80 -6.60 -7.39
C MET A 70 4.32 -7.82 -6.60
N ARG A 71 4.47 -7.77 -5.29
CA ARG A 71 4.12 -8.91 -4.44
C ARG A 71 3.00 -8.62 -3.46
N TYR A 72 2.96 -7.42 -2.88
CA TYR A 72 1.81 -7.09 -2.03
C TYR A 72 1.52 -5.62 -1.93
N VAL A 73 0.31 -5.31 -1.48
CA VAL A 73 -0.10 -3.95 -1.14
CA VAL A 73 -0.07 -3.89 -1.20
C VAL A 73 -0.91 -4.04 0.16
N ASN A 74 -1.02 -2.93 0.89
CA ASN A 74 -1.80 -2.89 2.13
C ASN A 74 -3.04 -2.05 1.85
N VAL A 75 -4.21 -2.58 2.16
CA VAL A 75 -5.44 -1.79 2.11
C VAL A 75 -6.18 -1.87 3.45
N ASP A 76 -7.05 -0.90 3.72
CA ASP A 76 -7.88 -0.93 4.92
C ASP A 76 -9.21 -1.63 4.66
N SER A 77 -9.77 -2.25 5.70
CA SER A 77 -11.16 -2.67 5.64
C SER A 77 -11.99 -1.46 5.18
N GLY A 78 -12.88 -1.66 4.22
CA GLY A 78 -13.75 -0.58 3.75
C GLY A 78 -13.15 0.38 2.74
N GLU A 79 -11.85 0.26 2.50
CA GLU A 79 -11.20 1.14 1.51
C GLU A 79 -11.65 0.81 0.09
N THR A 80 -11.89 1.86 -0.70
CA THR A 80 -12.16 1.70 -2.11
C THR A 80 -10.92 2.11 -2.91
N VAL A 81 -10.36 1.12 -3.61
CA VAL A 81 -9.06 1.25 -4.27
C VAL A 81 -9.18 0.86 -5.72
N ALA A 82 -8.61 1.67 -6.61
CA ALA A 82 -8.54 1.29 -8.02
C ALA A 82 -7.17 0.71 -8.34
N PHE A 83 -7.16 -0.28 -9.22
CA PHE A 83 -5.93 -0.95 -9.59
C PHE A 83 -5.78 -0.78 -11.08
N ARG A 84 -4.59 -0.40 -11.50
CA ARG A 84 -4.36 -0.08 -12.90
CA ARG A 84 -4.34 -0.06 -12.89
C ARG A 84 -3.26 -0.93 -13.55
N ALA A 85 -3.55 -1.39 -14.77
CA ALA A 85 -2.59 -2.06 -15.62
C ALA A 85 -2.66 -1.32 -16.95
N GLY A 86 -1.62 -0.54 -17.28
CA GLY A 86 -1.66 0.28 -18.47
C GLY A 86 -2.78 1.29 -18.28
N GLU A 87 -3.78 1.25 -19.15
CA GLU A 87 -4.91 2.15 -19.02
C GLU A 87 -6.18 1.44 -18.58
N LYS A 88 -6.07 0.14 -18.30
CA LYS A 88 -7.21 -0.59 -17.73
C LYS A 88 -7.25 -0.36 -16.23
N ILE A 89 -8.40 0.07 -15.73
CA ILE A 89 -8.52 0.33 -14.30
C ILE A 89 -9.72 -0.42 -13.75
N VAL A 90 -9.50 -1.17 -12.67
CA VAL A 90 -10.57 -1.92 -12.01
C VAL A 90 -10.56 -1.61 -10.53
N ALA A 91 -11.70 -1.26 -9.98
CA ALA A 91 -11.77 -0.84 -8.58
C ALA A 91 -12.55 -1.82 -7.69
N TRP A 92 -12.26 -1.78 -6.39
CA TRP A 92 -12.80 -2.72 -5.43
C TRP A 92 -13.00 -2.03 -4.10
N THR A 93 -14.10 -2.36 -3.40
CA THR A 93 -14.30 -1.88 -2.04
C THR A 93 -14.10 -3.06 -1.09
N PHE A 94 -13.11 -2.97 -0.24
CA PHE A 94 -12.77 -4.09 0.64
C PHE A 94 -13.77 -4.24 1.78
N ALA A 95 -14.08 -5.49 2.10
CA ALA A 95 -15.02 -5.82 3.16
C ALA A 95 -14.49 -5.38 4.53
N GLN A 96 -15.35 -5.43 5.54
CA GLN A 96 -14.97 -5.13 6.91
C GLN A 96 -14.51 -6.44 7.58
N MET A 97 -13.21 -6.60 7.75
CA MET A 97 -12.66 -7.89 8.18
C MET A 97 -12.45 -7.99 9.69
N VAL A 98 -12.81 -9.13 10.26
CA VAL A 98 -12.73 -9.28 11.71
C VAL A 98 -11.25 -9.34 12.16
N ARG A 99 -10.38 -9.79 11.27
CA ARG A 99 -8.94 -9.85 11.57
C ARG A 99 -8.15 -9.50 10.29
N ASP A 100 -6.88 -9.13 10.44
CA ASP A 100 -6.01 -8.96 9.27
C ASP A 100 -6.07 -10.23 8.42
N THR A 101 -6.16 -10.04 7.11
CA THR A 101 -6.30 -11.17 6.20
C THR A 101 -5.70 -10.76 4.85
N SER A 102 -5.43 -11.73 3.98
CA SER A 102 -4.98 -11.39 2.64
C SER A 102 -5.77 -12.15 1.59
N VAL A 103 -5.77 -11.63 0.37
CA VAL A 103 -6.40 -12.29 -0.77
C VAL A 103 -5.60 -11.96 -2.03
N ASP A 104 -5.59 -12.87 -3.00
CA ASP A 104 -4.86 -12.61 -4.24
C ASP A 104 -5.68 -11.68 -5.12
N LEU A 105 -5.05 -10.61 -5.63
CA LEU A 105 -5.78 -9.65 -6.48
C LEU A 105 -6.31 -10.32 -7.75
N GLY A 106 -5.61 -11.36 -8.21
CA GLY A 106 -6.00 -12.07 -9.42
C GLY A 106 -7.34 -12.77 -9.26
N LEU A 107 -7.74 -13.03 -8.03
CA LEU A 107 -9.05 -13.64 -7.78
C LEU A 107 -10.14 -12.56 -7.65
N LEU A 108 -9.76 -11.37 -7.19
CA LEU A 108 -10.71 -10.24 -7.15
C LEU A 108 -11.00 -9.69 -8.54
N MET A 109 -9.95 -9.61 -9.36
CA MET A 109 -10.07 -9.01 -10.69
C MET A 109 -9.27 -9.77 -11.74
N PRO A 110 -9.80 -10.92 -12.16
CA PRO A 110 -9.16 -11.79 -13.13
C PRO A 110 -8.92 -11.08 -14.47
N ASP A 111 -9.72 -10.05 -14.77
CA ASP A 111 -9.59 -9.40 -16.07
C ASP A 111 -8.61 -8.22 -16.08
N LEU A 112 -7.98 -7.94 -14.95
CA LEU A 112 -6.90 -6.95 -14.90
C LEU A 112 -5.55 -7.64 -15.16
N PRO A 113 -4.94 -7.39 -16.31
CA PRO A 113 -3.69 -8.11 -16.60
C PRO A 113 -2.61 -7.88 -15.54
N GLY A 114 -1.97 -8.96 -15.11
CA GLY A 114 -0.90 -8.91 -14.13
C GLY A 114 -1.32 -8.91 -12.68
N SER A 115 -2.63 -9.02 -12.43
CA SER A 115 -3.15 -8.99 -11.07
C SER A 115 -2.81 -10.29 -10.32
N ALA A 116 -2.77 -11.42 -11.02
CA ALA A 116 -2.52 -12.70 -10.36
C ALA A 116 -1.12 -12.75 -9.73
N GLY A 117 -1.06 -13.10 -8.45
CA GLY A 117 0.22 -13.15 -7.76
C GLY A 117 0.49 -11.95 -6.89
N VAL A 118 -0.30 -10.89 -7.08
CA VAL A 118 -0.24 -9.73 -6.18
C VAL A 118 -1.14 -9.94 -4.98
N ARG A 119 -0.57 -10.05 -3.81
CA ARG A 119 -1.40 -10.31 -2.64
C ARG A 119 -1.82 -9.02 -1.96
N VAL A 120 -3.12 -8.90 -1.67
CA VAL A 120 -3.66 -7.74 -0.96
C VAL A 120 -3.79 -8.01 0.53
N TYR A 121 -3.08 -7.26 1.34
CA TYR A 121 -3.16 -7.40 2.78
C TYR A 121 -4.25 -6.46 3.28
N ILE A 122 -5.32 -7.00 3.85
CA ILE A 122 -6.42 -6.17 4.34
C ILE A 122 -6.37 -6.05 5.86
N ASP A 123 -6.26 -4.82 6.35
CA ASP A 123 -6.19 -4.54 7.77
C ASP A 123 -7.56 -4.79 8.38
N ARG A 124 -7.56 -5.28 9.62
CA ARG A 124 -8.76 -5.55 10.41
C ARG A 124 -9.64 -4.32 10.52
N SER A 125 -10.96 -4.52 10.52
CA SER A 125 -11.92 -3.43 10.65
C SER A 125 -11.98 -2.86 12.06
N ASP A 126 -12.13 -1.55 12.15
CA ASP A 126 -12.32 -0.88 13.43
C ASP A 126 -13.76 -0.96 13.93
N LEU A 127 -14.63 -1.61 13.16
CA LEU A 127 -16.06 -1.64 13.52
C LEU A 127 -16.42 -2.74 14.53
N PHE A 128 -15.48 -3.63 14.83
CA PHE A 128 -15.73 -4.72 15.77
C PHE A 128 -15.35 -4.28 17.18
N THR B 37 19.03 26.41 8.15
CA THR B 37 18.74 25.39 7.16
C THR B 37 19.31 24.03 7.54
N ALA B 38 20.60 24.00 7.88
CA ALA B 38 21.18 22.77 8.40
C ALA B 38 20.44 22.44 9.68
N THR B 39 20.05 23.48 10.40
CA THR B 39 19.32 23.29 11.64
C THR B 39 17.89 22.83 11.34
N ALA B 40 17.33 23.32 10.23
CA ALA B 40 15.97 22.90 9.87
C ALA B 40 15.98 21.43 9.44
N GLN B 41 17.05 21.00 8.79
CA GLN B 41 17.20 19.61 8.41
C GLN B 41 17.38 18.72 9.63
N ALA B 42 18.04 19.25 10.65
CA ALA B 42 18.21 18.50 11.90
C ALA B 42 16.86 18.37 12.60
N MET B 43 16.09 19.46 12.60
CA MET B 43 14.76 19.47 13.21
C MET B 43 13.88 18.43 12.53
N ALA B 44 13.92 18.39 11.20
CA ALA B 44 13.09 17.45 10.45
C ALA B 44 13.49 16.01 10.74
N LYS B 45 14.78 15.76 10.82
CA LYS B 45 15.28 14.43 11.10
C LYS B 45 14.83 13.97 12.48
N ARG B 46 14.84 14.89 13.44
CA ARG B 46 14.38 14.57 14.78
C ARG B 46 12.89 14.23 14.78
N HIS B 47 12.10 15.05 14.09
CA HIS B 47 10.66 14.81 13.99
C HIS B 47 10.40 13.47 13.29
N ALA B 48 11.18 13.19 12.25
CA ALA B 48 11.00 11.95 11.49
C ALA B 48 11.19 10.69 12.36
N THR B 49 11.99 10.82 13.41
CA THR B 49 12.28 9.70 14.33
C THR B 49 11.04 9.16 15.06
N LEU B 50 10.03 10.00 15.23
CA LEU B 50 8.77 9.57 15.80
C LEU B 50 8.18 8.41 14.99
N TYR B 51 8.50 8.38 13.69
CA TYR B 51 7.84 7.45 12.75
C TYR B 51 8.67 6.22 12.37
N GLY B 52 9.88 6.13 12.89
CA GLY B 52 10.74 4.99 12.61
C GLY B 52 12.17 5.39 12.37
N ASP B 53 12.90 4.54 11.67
CA ASP B 53 14.33 4.75 11.44
C ASP B 53 14.72 4.41 10.00
N PRO B 54 15.72 5.11 9.46
CA PRO B 54 16.25 4.68 8.16
C PRO B 54 16.67 3.22 8.21
N ALA B 55 16.53 2.51 7.10
CA ALA B 55 16.92 1.12 7.04
C ALA B 55 17.70 0.86 5.74
N GLY B 56 18.52 -0.18 5.76
CA GLY B 56 19.15 -0.63 4.53
C GLY B 56 18.08 -1.16 3.58
N GLN B 57 18.19 -0.81 2.29
CA GLN B 57 17.19 -1.27 1.33
CA GLN B 57 17.19 -1.27 1.32
C GLN B 57 17.21 -2.79 1.19
N SER B 58 18.33 -3.42 1.56
CA SER B 58 18.39 -4.87 1.59
C SER B 58 17.36 -5.45 2.57
N GLN B 59 16.95 -4.64 3.53
CA GLN B 59 16.05 -5.06 4.61
C GLN B 59 14.56 -4.95 4.27
N ALA B 60 14.25 -4.33 3.14
CA ALA B 60 12.84 -4.04 2.80
C ALA B 60 12.07 -5.29 2.35
N SER B 61 10.80 -5.38 2.70
CA SER B 61 9.95 -6.48 2.24
C SER B 61 9.22 -6.13 0.95
N ARG B 62 9.24 -4.85 0.56
CA ARG B 62 8.74 -4.48 -0.76
C ARG B 62 9.38 -3.17 -1.19
N ILE B 63 9.38 -2.92 -2.49
CA ILE B 63 9.80 -1.63 -3.03
C ILE B 63 8.58 -0.94 -3.66
N ILE B 64 8.30 0.28 -3.24
CA ILE B 64 7.20 1.07 -3.79
C ILE B 64 7.78 2.14 -4.70
N ASP B 65 7.31 2.21 -5.93
CA ASP B 65 7.73 3.30 -6.80
C ASP B 65 6.92 4.56 -6.49
N VAL B 66 7.61 5.65 -6.23
CA VAL B 66 6.96 6.92 -5.92
CA VAL B 66 6.93 6.91 -5.93
C VAL B 66 6.65 7.62 -7.24
N LYS B 67 5.36 7.73 -7.55
CA LYS B 67 4.91 8.29 -8.84
C LYS B 67 4.19 9.63 -8.60
N PRO B 68 4.19 10.51 -9.61
CA PRO B 68 3.40 11.75 -9.47
C PRO B 68 1.93 11.41 -9.23
N GLY B 69 1.27 12.16 -8.34
CA GLY B 69 -0.13 11.95 -7.99
C GLY B 69 -0.57 10.65 -7.33
N MET B 70 0.33 9.91 -6.68
CA MET B 70 -0.09 8.61 -6.10
C MET B 70 -0.94 8.74 -4.82
N ARG B 71 -0.89 9.94 -4.22
CA ARG B 71 -1.68 10.31 -3.05
C ARG B 71 -1.23 9.77 -1.72
N TYR B 72 -1.28 8.44 -1.55
CA TYR B 72 -0.83 7.87 -0.27
C TYR B 72 -0.45 6.42 -0.39
N VAL B 73 0.23 5.92 0.64
CA VAL B 73 0.46 4.48 0.78
C VAL B 73 0.06 4.08 2.20
N ASN B 74 -0.18 2.78 2.42
CA ASN B 74 -0.48 2.26 3.74
C ASN B 74 0.66 1.36 4.18
N VAL B 75 1.18 1.59 5.39
CA VAL B 75 2.24 0.72 5.93
C VAL B 75 1.89 0.27 7.34
N ASP B 76 2.50 -0.82 7.77
CA ASP B 76 2.23 -1.41 9.07
C ASP B 76 3.28 -0.94 10.07
N SER B 77 2.90 -0.87 11.34
CA SER B 77 3.88 -0.63 12.40
C SER B 77 4.92 -1.72 12.24
N GLY B 78 6.20 -1.35 12.24
CA GLY B 78 7.27 -2.33 12.15
C GLY B 78 7.66 -2.79 10.76
N GLU B 79 6.89 -2.42 9.73
CA GLU B 79 7.16 -2.80 8.35
C GLU B 79 8.41 -2.07 7.82
N THR B 80 9.25 -2.76 7.05
CA THR B 80 10.36 -2.10 6.37
C THR B 80 10.06 -1.98 4.89
N VAL B 81 10.04 -0.73 4.40
CA VAL B 81 9.64 -0.44 3.03
C VAL B 81 10.71 0.39 2.33
N ALA B 82 11.02 0.01 1.11
CA ALA B 82 11.92 0.81 0.26
C ALA B 82 11.08 1.64 -0.68
N PHE B 83 11.45 2.91 -0.86
CA PHE B 83 10.74 3.81 -1.76
C PHE B 83 11.68 4.20 -2.86
N ARG B 84 11.22 4.09 -4.10
CA ARG B 84 12.10 4.25 -5.27
C ARG B 84 11.62 5.37 -6.20
N ALA B 85 12.57 6.17 -6.65
CA ALA B 85 12.28 7.23 -7.62
C ALA B 85 13.45 7.18 -8.58
N GLY B 86 13.23 6.58 -9.75
CA GLY B 86 14.30 6.32 -10.69
C GLY B 86 15.34 5.39 -10.11
N GLU B 87 16.59 5.85 -10.07
CA GLU B 87 17.65 5.03 -9.52
C GLU B 87 17.89 5.31 -8.05
N LYS B 88 17.18 6.29 -7.49
CA LYS B 88 17.31 6.59 -6.07
C LYS B 88 16.35 5.70 -5.28
N ILE B 89 16.88 5.03 -4.26
CA ILE B 89 16.09 4.19 -3.36
C ILE B 89 16.43 4.53 -1.92
N VAL B 90 15.40 4.78 -1.12
CA VAL B 90 15.57 5.06 0.31
CA VAL B 90 15.61 4.99 0.31
C VAL B 90 14.60 4.16 1.10
N ALA B 91 15.11 3.47 2.11
CA ALA B 91 14.26 2.56 2.87
C ALA B 91 14.08 3.00 4.32
N TRP B 92 13.03 2.47 4.95
CA TRP B 92 12.59 2.97 6.25
C TRP B 92 11.89 1.85 7.00
N THR B 93 12.18 1.73 8.29
CA THR B 93 11.49 0.77 9.17
C THR B 93 10.54 1.58 10.05
N PHE B 94 9.26 1.36 9.87
CA PHE B 94 8.29 2.13 10.63
C PHE B 94 8.22 1.67 12.07
N ALA B 95 8.05 2.65 12.96
CA ALA B 95 8.03 2.41 14.40
C ALA B 95 6.73 1.71 14.81
N GLN B 96 6.69 1.24 16.05
CA GLN B 96 5.46 0.71 16.63
C GLN B 96 4.61 1.89 17.13
N MET B 97 3.59 2.27 16.37
CA MET B 97 2.84 3.49 16.67
C MET B 97 1.74 3.18 17.68
N VAL B 98 1.55 4.11 18.63
CA VAL B 98 0.55 3.91 19.68
C VAL B 98 -0.88 4.01 19.16
N ARG B 99 -1.08 4.80 18.09
CA ARG B 99 -2.38 4.90 17.43
C ARG B 99 -2.17 5.05 15.93
N ASP B 100 -3.22 4.85 15.14
CA ASP B 100 -3.11 5.09 13.69
C ASP B 100 -2.61 6.51 13.49
N THR B 101 -1.57 6.68 12.68
CA THR B 101 -0.95 7.98 12.49
CA THR B 101 -0.92 8.04 12.42
C THR B 101 -0.62 8.13 11.00
N SER B 102 -0.50 9.36 10.53
CA SER B 102 0.00 9.54 9.17
C SER B 102 1.08 10.62 9.15
N VAL B 103 1.87 10.63 8.08
CA VAL B 103 3.05 11.50 7.99
C VAL B 103 3.34 11.72 6.52
N ASP B 104 3.85 12.91 6.18
CA ASP B 104 4.29 13.15 4.80
C ASP B 104 5.58 12.40 4.51
N LEU B 105 5.62 11.64 3.41
CA LEU B 105 6.84 10.92 3.06
C LEU B 105 8.03 11.90 2.93
N GLY B 106 7.74 13.13 2.53
CA GLY B 106 8.75 14.18 2.38
C GLY B 106 9.46 14.53 3.67
N LEU B 107 8.81 14.30 4.80
CA LEU B 107 9.45 14.46 6.11
C LEU B 107 10.47 13.36 6.38
N LEU B 108 10.14 12.13 5.98
CA LEU B 108 11.03 11.00 6.23
C LEU B 108 12.19 10.95 5.26
N MET B 109 11.94 11.34 4.00
CA MET B 109 12.97 11.23 2.97
C MET B 109 12.92 12.40 2.00
N PRO B 110 13.35 13.59 2.48
CA PRO B 110 13.31 14.84 1.71
C PRO B 110 14.15 14.74 0.45
N ASP B 111 15.14 13.87 0.45
CA ASP B 111 16.05 13.78 -0.69
C ASP B 111 15.48 12.89 -1.80
N LEU B 112 14.44 12.13 -1.50
CA LEU B 112 13.81 11.27 -2.52
C LEU B 112 12.87 12.07 -3.43
N PRO B 113 13.20 12.18 -4.73
CA PRO B 113 12.34 12.97 -5.63
C PRO B 113 10.89 12.51 -5.65
N GLY B 114 9.94 13.44 -5.53
CA GLY B 114 8.54 13.12 -5.58
C GLY B 114 7.94 12.72 -4.24
N SER B 115 8.74 12.75 -3.19
CA SER B 115 8.26 12.29 -1.89
C SER B 115 7.30 13.28 -1.22
N ALA B 116 7.54 14.57 -1.41
CA ALA B 116 6.72 15.58 -0.75
C ALA B 116 5.27 15.50 -1.20
N GLY B 117 4.34 15.48 -0.25
CA GLY B 117 2.94 15.44 -0.57
C GLY B 117 2.34 14.04 -0.60
N VAL B 118 3.19 13.01 -0.63
CA VAL B 118 2.70 11.63 -0.53
C VAL B 118 2.49 11.29 0.93
N ARG B 119 1.25 10.98 1.28
CA ARG B 119 0.90 10.67 2.66
C ARG B 119 1.18 9.20 2.97
N VAL B 120 1.76 8.95 4.13
CA VAL B 120 1.99 7.58 4.62
C VAL B 120 1.08 7.32 5.82
N TYR B 121 0.14 6.39 5.66
CA TYR B 121 -0.73 6.01 6.77
C TYR B 121 -0.12 4.80 7.47
N ILE B 122 0.25 4.96 8.74
CA ILE B 122 0.86 3.88 9.51
C ILE B 122 -0.15 3.24 10.48
N ASP B 123 -0.36 1.94 10.33
CA ASP B 123 -1.32 1.17 11.14
C ASP B 123 -0.81 1.09 12.59
N ARG B 124 -1.72 1.28 13.56
CA ARG B 124 -1.37 1.11 14.98
C ARG B 124 -0.70 -0.24 15.23
N SER B 125 0.22 -0.28 16.19
CA SER B 125 0.92 -1.50 16.55
C SER B 125 -0.02 -2.51 17.21
N ASP B 126 0.15 -3.79 16.88
CA ASP B 126 -0.59 -4.88 17.54
C ASP B 126 -0.17 -5.03 19.00
N LEU B 127 1.00 -4.48 19.31
CA LEU B 127 1.60 -4.60 20.63
C LEU B 127 0.91 -3.63 21.59
CL CL C . -3.73 7.74 -6.93
CL CL D . 0.16 0.32 0.08
CL CL E . -6.39 -15.96 -1.23
CL CL F . 6.70 -11.99 -11.25
CL CL G . -11.64 -7.89 -13.43
CL CL H . 0.86 -0.58 -15.11
MG MG I . -5.94 -0.75 11.62
CL CL J . 16.22 11.21 2.04
CL CL K . 20.15 4.58 -4.07
CL CL L . 9.84 15.69 -3.35
CL CL M . 8.96 2.22 18.91
#